data_1NV9
#
_entry.id   1NV9
#
_cell.length_a   82.897
_cell.length_b   59.013
_cell.length_c   63.832
_cell.angle_alpha   90.00
_cell.angle_beta   90.00
_cell.angle_gamma   90.00
#
_symmetry.space_group_name_H-M   'P 21 21 2'
#
loop_
_entity.id
_entity.type
_entity.pdbx_description
1 polymer 'hemK protein'
2 non-polymer S-ADENOSYL-L-HOMOCYSTEINE
3 water water
#
_entity_poly.entity_id   1
_entity_poly.type   'polypeptide(L)'
_entity_poly.pdbx_seq_one_letter_code
;GAMDTRKNVSGAERKIWSLIRDCSGKLEGVTETSVLEVLLIVSRVLGIRKEDLFLKDLGVSPTEEKRILELVEKRASGYP
LHYILGEKEFMGLSFLVEEGVFVPRPETEELVELALELIRKYGIKTVADIGTGSGAIGVSVAKFSDAIVFATDVSSKAVE
IARKNAERHGVSDRFFVRKGEFLEPFKEKFASIEMILSNPPYVKSSAHLPKDVLFEPPEALFGGEDGLDFYREFFGRYDT
SGKIVLMEIGEDQVEELKKIVSDTVFLKDSAGKYRFLLLNRRSS
;
_entity_poly.pdbx_strand_id   A
#
# COMPACT_ATOMS: atom_id res chain seq x y z
N LYS A 15 8.43 -26.45 25.23
CA LYS A 15 7.20 -25.73 24.89
C LYS A 15 7.48 -24.94 23.60
N ILE A 16 6.48 -24.18 23.19
CA ILE A 16 6.54 -23.40 21.98
C ILE A 16 6.23 -21.98 22.40
N TRP A 17 5.72 -21.89 23.62
CA TRP A 17 5.53 -20.64 24.28
C TRP A 17 6.89 -20.15 24.87
N SER A 18 7.91 -21.01 25.01
CA SER A 18 9.23 -20.46 25.47
C SER A 18 9.94 -19.89 24.26
N LEU A 19 10.06 -20.76 23.27
CA LEU A 19 10.47 -20.39 21.93
C LEU A 19 9.87 -19.03 21.59
N ILE A 20 8.59 -18.88 21.82
CA ILE A 20 7.99 -17.63 21.44
C ILE A 20 8.62 -16.55 22.28
N ARG A 21 8.64 -16.72 23.59
CA ARG A 21 9.18 -15.63 24.36
C ARG A 21 10.66 -15.38 24.15
N ASP A 22 11.44 -16.34 23.66
CA ASP A 22 12.83 -16.00 23.39
C ASP A 22 12.97 -15.42 22.00
N CYS A 23 12.06 -15.78 21.11
CA CYS A 23 12.25 -15.30 19.78
C CYS A 23 12.10 -13.81 19.79
N SER A 24 11.15 -13.32 20.59
CA SER A 24 10.82 -11.92 20.70
C SER A 24 11.80 -10.93 21.31
N GLY A 25 12.49 -11.32 22.37
CA GLY A 25 13.49 -10.44 22.96
C GLY A 25 14.50 -10.13 21.87
N LYS A 26 14.71 -11.10 20.99
CA LYS A 26 15.62 -10.93 19.88
C LYS A 26 15.21 -9.81 18.95
N LEU A 27 14.04 -9.24 19.21
CA LEU A 27 13.46 -8.30 18.32
C LEU A 27 13.02 -7.09 19.05
N GLU A 28 13.40 -6.92 20.31
CA GLU A 28 13.06 -5.63 20.88
C GLU A 28 14.04 -4.68 20.22
N GLY A 29 14.44 -5.04 19.01
CA GLY A 29 15.24 -4.21 18.15
C GLY A 29 14.19 -3.99 17.11
N VAL A 30 14.59 -3.66 15.89
CA VAL A 30 13.65 -3.36 14.81
C VAL A 30 12.16 -3.18 15.12
N THR A 31 11.56 -4.03 15.95
CA THR A 31 10.14 -3.91 16.24
C THR A 31 9.76 -3.47 17.63
N GLU A 32 8.74 -2.64 17.66
CA GLU A 32 8.02 -2.32 18.90
C GLU A 32 7.03 -3.46 19.23
N THR A 33 6.68 -4.27 18.25
CA THR A 33 5.69 -5.29 18.52
C THR A 33 6.31 -6.61 18.27
N SER A 34 7.35 -6.91 19.00
CA SER A 34 8.08 -8.17 18.86
C SER A 34 7.26 -9.42 19.13
N VAL A 35 6.45 -9.42 20.16
CA VAL A 35 5.73 -10.64 20.46
C VAL A 35 4.79 -10.96 19.30
N LEU A 36 3.93 -10.03 18.97
CA LEU A 36 3.06 -10.23 17.80
C LEU A 36 3.83 -10.65 16.55
N GLU A 37 5.00 -10.03 16.27
CA GLU A 37 5.74 -10.45 15.09
C GLU A 37 6.20 -11.88 15.31
N VAL A 38 6.52 -12.25 16.55
CA VAL A 38 6.94 -13.64 16.75
C VAL A 38 5.73 -14.53 16.49
N LEU A 39 4.62 -14.17 17.14
CA LEU A 39 3.40 -14.96 16.97
C LEU A 39 3.19 -15.17 15.52
N LEU A 40 3.30 -14.14 14.70
CA LEU A 40 3.00 -14.33 13.28
C LEU A 40 3.98 -15.18 12.46
N ILE A 41 5.27 -15.00 12.72
CA ILE A 41 6.32 -15.82 12.09
C ILE A 41 6.11 -17.29 12.52
N VAL A 42 5.71 -17.53 13.76
CA VAL A 42 5.51 -18.91 14.18
C VAL A 42 4.34 -19.54 13.40
N SER A 43 3.18 -18.91 13.42
CA SER A 43 2.05 -19.40 12.60
C SER A 43 2.44 -19.75 11.19
N ARG A 44 3.29 -18.96 10.61
CA ARG A 44 3.53 -19.12 9.18
C ARG A 44 4.44 -20.31 8.87
N VAL A 45 5.34 -20.61 9.77
CA VAL A 45 6.13 -21.79 9.53
C VAL A 45 5.35 -23.03 9.88
N LEU A 46 4.61 -22.95 11.00
CA LEU A 46 3.87 -24.11 11.47
C LEU A 46 2.82 -24.41 10.46
N GLY A 47 2.56 -23.43 9.59
CA GLY A 47 1.60 -23.54 8.50
C GLY A 47 0.19 -23.35 9.00
N ILE A 48 0.01 -22.35 9.84
CA ILE A 48 -1.23 -22.24 10.54
C ILE A 48 -1.81 -20.89 10.67
N ARG A 49 -3.12 -20.91 10.87
CA ARG A 49 -3.85 -19.70 11.10
C ARG A 49 -3.37 -19.27 12.46
N LYS A 50 -3.39 -17.99 12.73
CA LYS A 50 -2.76 -17.52 13.94
C LYS A 50 -3.55 -17.92 15.19
N GLU A 51 -4.82 -18.26 15.02
CA GLU A 51 -5.64 -18.50 16.18
C GLU A 51 -5.43 -19.94 16.66
N ASP A 52 -4.73 -20.74 15.86
CA ASP A 52 -4.42 -22.13 16.24
C ASP A 52 -3.25 -22.26 17.20
N LEU A 53 -2.44 -21.22 17.31
CA LEU A 53 -1.30 -21.30 18.23
C LEU A 53 -1.76 -21.69 19.63
N PHE A 54 -3.01 -21.42 19.93
CA PHE A 54 -3.58 -21.63 21.25
C PHE A 54 -4.09 -23.03 21.59
N LEU A 55 -3.88 -24.04 20.76
CA LEU A 55 -4.57 -25.30 21.02
C LEU A 55 -3.72 -26.14 21.95
N LYS A 56 -4.10 -27.38 22.24
CA LYS A 56 -3.08 -28.14 22.93
C LYS A 56 -2.52 -29.13 21.98
N ASP A 57 -1.37 -29.64 22.36
CA ASP A 57 -0.63 -30.43 21.43
C ASP A 57 -0.42 -29.38 20.36
N LEU A 58 0.59 -28.58 20.64
CA LEU A 58 1.10 -27.63 19.71
C LEU A 58 2.50 -27.48 20.18
N GLY A 59 3.32 -28.31 19.58
CA GLY A 59 4.73 -28.30 19.85
C GLY A 59 5.19 -27.99 18.48
N VAL A 60 6.46 -27.66 18.40
CA VAL A 60 7.02 -27.30 17.15
C VAL A 60 8.20 -28.21 16.95
N SER A 61 8.15 -29.03 15.89
CA SER A 61 9.22 -29.98 15.71
C SER A 61 10.29 -29.59 14.72
N PRO A 62 11.50 -29.79 15.20
CA PRO A 62 12.73 -29.34 14.57
C PRO A 62 12.58 -28.56 13.32
N THR A 63 12.60 -29.16 12.15
CA THR A 63 12.55 -28.33 10.94
C THR A 63 11.88 -27.00 11.28
N GLU A 64 10.66 -27.10 11.80
CA GLU A 64 9.94 -25.98 12.38
C GLU A 64 10.87 -25.14 13.28
N GLU A 65 11.16 -25.52 14.53
CA GLU A 65 12.00 -24.64 15.35
C GLU A 65 13.17 -24.09 14.56
N LYS A 66 13.61 -24.84 13.55
CA LYS A 66 14.78 -24.46 12.76
C LYS A 66 14.42 -23.20 11.96
N ARG A 67 13.41 -23.34 11.11
CA ARG A 67 12.87 -22.22 10.37
C ARG A 67 12.57 -20.96 11.23
N ILE A 68 12.14 -21.14 12.46
CA ILE A 68 11.73 -19.98 13.24
C ILE A 68 12.85 -19.03 13.71
N LEU A 69 14.04 -19.55 14.04
CA LEU A 69 15.12 -18.65 14.51
C LEU A 69 15.78 -18.13 13.27
N GLU A 70 15.64 -18.92 12.22
CA GLU A 70 16.15 -18.57 10.91
C GLU A 70 15.44 -17.24 10.55
N LEU A 71 14.13 -17.36 10.34
CA LEU A 71 13.29 -16.21 9.97
C LEU A 71 13.38 -15.18 11.05
N VAL A 72 13.59 -15.63 12.29
CA VAL A 72 13.54 -14.64 13.36
C VAL A 72 14.72 -13.74 13.25
N GLU A 73 15.84 -14.28 12.80
CA GLU A 73 16.96 -13.37 12.76
C GLU A 73 16.98 -12.72 11.42
N LYS A 74 16.58 -13.39 10.35
CA LYS A 74 16.50 -12.60 9.15
C LYS A 74 15.77 -11.31 9.55
N ARG A 75 14.92 -11.35 10.58
CA ARG A 75 14.20 -10.12 10.97
C ARG A 75 14.94 -9.28 11.94
N ALA A 76 15.67 -9.79 12.91
CA ALA A 76 16.25 -8.83 13.83
C ALA A 76 17.02 -7.79 13.00
N SER A 77 17.60 -8.23 11.88
CA SER A 77 18.27 -7.34 10.92
C SER A 77 17.50 -6.07 10.35
N GLY A 78 16.17 -5.97 10.44
CA GLY A 78 15.45 -4.93 9.72
C GLY A 78 14.80 -5.42 8.41
N TYR A 79 15.06 -6.65 7.96
CA TYR A 79 14.37 -7.10 6.73
C TYR A 79 12.86 -7.08 7.06
N PRO A 80 11.99 -6.85 6.08
CA PRO A 80 10.55 -6.68 6.37
C PRO A 80 9.80 -7.91 6.87
N LEU A 81 9.04 -7.76 7.93
CA LEU A 81 8.17 -8.82 8.40
C LEU A 81 7.27 -9.30 7.28
N HIS A 82 6.60 -8.36 6.63
CA HIS A 82 5.65 -8.75 5.62
C HIS A 82 6.22 -9.48 4.42
N TYR A 83 7.49 -9.31 4.17
CA TYR A 83 8.12 -10.07 3.14
C TYR A 83 8.31 -11.48 3.67
N ILE A 84 8.69 -11.58 4.93
CA ILE A 84 8.77 -12.93 5.45
C ILE A 84 7.38 -13.59 5.41
N LEU A 85 6.40 -12.89 5.94
CA LEU A 85 5.05 -13.38 6.00
C LEU A 85 4.44 -13.61 4.64
N GLY A 86 4.85 -12.88 3.59
CA GLY A 86 4.23 -13.07 2.28
C GLY A 86 2.86 -12.39 2.06
N GLU A 87 2.50 -11.51 2.96
CA GLU A 87 1.14 -11.01 3.13
C GLU A 87 1.09 -9.77 3.98
N LYS A 88 0.17 -8.86 3.68
CA LYS A 88 -0.08 -7.70 4.55
C LYS A 88 -1.59 -7.32 4.48
N GLU A 89 -2.21 -7.14 5.63
CA GLU A 89 -3.63 -6.87 5.72
C GLU A 89 -3.77 -5.38 5.53
N PHE A 90 -4.74 -4.99 4.71
CA PHE A 90 -5.00 -3.59 4.38
C PHE A 90 -6.50 -3.52 4.09
N MET A 91 -7.20 -2.58 4.72
CA MET A 91 -8.69 -2.45 4.63
C MET A 91 -9.37 -3.79 4.87
N GLY A 92 -8.78 -4.57 5.76
CA GLY A 92 -9.26 -5.89 6.12
C GLY A 92 -8.97 -7.00 5.17
N LEU A 93 -8.21 -6.73 4.14
CA LEU A 93 -7.90 -7.78 3.18
C LEU A 93 -6.44 -8.15 3.20
N SER A 94 -6.24 -9.36 2.72
CA SER A 94 -4.95 -9.97 2.70
C SER A 94 -4.35 -9.68 1.37
N PHE A 95 -3.25 -8.92 1.34
CA PHE A 95 -2.59 -8.63 0.09
C PHE A 95 -1.29 -9.40 0.04
N LEU A 96 -1.05 -10.17 -1.00
CA LEU A 96 0.22 -10.82 -1.15
C LEU A 96 1.25 -9.73 -1.45
N VAL A 97 2.41 -9.82 -0.76
CA VAL A 97 3.56 -8.96 -0.98
C VAL A 97 4.86 -9.86 -1.03
N GLU A 98 5.88 -9.39 -1.77
CA GLU A 98 7.18 -10.06 -2.00
C GLU A 98 8.25 -8.96 -2.22
N GLU A 99 9.53 -9.26 -2.03
CA GLU A 99 10.55 -8.25 -2.29
C GLU A 99 10.33 -7.69 -3.69
N GLY A 100 10.48 -6.37 -3.84
CA GLY A 100 10.21 -5.73 -5.10
C GLY A 100 8.88 -4.98 -5.09
N VAL A 101 7.90 -5.44 -4.30
CA VAL A 101 6.69 -4.69 -4.07
C VAL A 101 6.65 -3.90 -2.78
N PHE A 102 6.15 -2.67 -2.85
CA PHE A 102 6.00 -1.83 -1.67
C PHE A 102 4.92 -2.39 -0.78
N VAL A 103 5.10 -2.39 0.53
CA VAL A 103 4.16 -3.00 1.45
C VAL A 103 3.17 -1.96 1.91
N PRO A 104 1.92 -2.24 1.75
CA PRO A 104 0.91 -1.27 2.11
C PRO A 104 1.05 -0.83 3.53
N ARG A 105 0.90 0.48 3.71
CA ARG A 105 0.94 1.14 5.00
C ARG A 105 -0.48 1.52 5.44
N PRO A 106 -0.68 1.45 6.73
CA PRO A 106 -1.92 1.80 7.38
C PRO A 106 -2.38 3.15 7.16
N GLU A 107 -1.47 4.09 7.12
CA GLU A 107 -1.90 5.43 6.83
C GLU A 107 -2.72 5.46 5.52
N THR A 108 -2.36 4.64 4.54
CA THR A 108 -3.02 4.75 3.24
C THR A 108 -4.49 4.27 3.25
N GLU A 109 -4.93 3.54 4.27
CA GLU A 109 -6.33 3.07 4.30
C GLU A 109 -7.18 4.30 4.37
N GLU A 110 -6.59 5.39 4.87
CA GLU A 110 -7.37 6.60 5.06
C GLU A 110 -7.72 7.19 3.64
N LEU A 111 -6.75 7.27 2.78
CA LEU A 111 -7.04 7.67 1.45
C LEU A 111 -8.26 6.88 0.88
N VAL A 112 -8.32 5.58 1.10
CA VAL A 112 -9.34 4.77 0.50
C VAL A 112 -10.67 5.05 1.07
N GLU A 113 -10.75 5.29 2.37
CA GLU A 113 -12.04 5.56 2.93
C GLU A 113 -12.58 6.90 2.46
N LEU A 114 -11.69 7.83 2.17
CA LEU A 114 -12.03 9.13 1.67
C LEU A 114 -12.48 8.96 0.23
N ALA A 115 -11.73 8.12 -0.47
CA ALA A 115 -12.11 7.72 -1.82
C ALA A 115 -13.47 7.10 -1.89
N LEU A 116 -13.77 6.15 -1.00
CA LEU A 116 -15.09 5.52 -0.95
C LEU A 116 -16.25 6.52 -0.72
N GLU A 117 -16.07 7.38 0.29
CA GLU A 117 -17.02 8.47 0.58
C GLU A 117 -17.31 9.33 -0.68
N LEU A 118 -16.24 9.69 -1.38
CA LEU A 118 -16.34 10.26 -2.71
C LEU A 118 -17.14 9.49 -3.81
N ILE A 119 -16.86 8.21 -4.00
CA ILE A 119 -17.67 7.40 -4.92
C ILE A 119 -19.11 7.50 -4.46
N ARG A 120 -19.46 7.23 -3.21
CA ARG A 120 -20.88 7.37 -2.79
C ARG A 120 -21.39 8.77 -2.92
N LYS A 121 -20.61 9.78 -2.58
CA LYS A 121 -21.17 11.10 -2.67
C LYS A 121 -21.54 11.47 -4.06
N TYR A 122 -20.75 11.07 -5.08
CA TYR A 122 -20.94 11.51 -6.46
C TYR A 122 -21.47 10.50 -7.43
N GLY A 123 -21.52 9.23 -7.06
CA GLY A 123 -21.89 8.18 -7.99
C GLY A 123 -20.78 7.85 -9.01
N ILE A 124 -19.53 8.14 -8.62
CA ILE A 124 -18.38 7.96 -9.47
C ILE A 124 -18.29 6.55 -9.88
N LYS A 125 -17.94 6.32 -11.14
CA LYS A 125 -17.91 4.99 -11.65
C LYS A 125 -16.57 4.51 -12.18
N THR A 126 -15.71 5.44 -12.55
CA THR A 126 -14.45 5.07 -13.15
C THR A 126 -13.34 5.75 -12.34
N VAL A 127 -12.35 4.96 -11.96
CA VAL A 127 -11.35 5.49 -11.07
C VAL A 127 -9.98 4.93 -11.46
N ALA A 128 -8.94 5.72 -11.29
CA ALA A 128 -7.63 5.24 -11.54
C ALA A 128 -6.70 5.30 -10.23
N ASP A 129 -5.69 4.44 -10.22
CA ASP A 129 -4.79 4.22 -9.11
C ASP A 129 -3.34 4.19 -9.65
N ILE A 130 -2.79 5.37 -9.90
CA ILE A 130 -1.31 5.54 -10.22
C ILE A 130 -0.27 5.06 -9.16
N GLY A 131 0.66 4.24 -9.63
CA GLY A 131 1.58 3.47 -8.82
C GLY A 131 0.96 2.45 -7.88
N THR A 132 0.27 1.46 -8.46
CA THR A 132 -0.56 0.52 -7.68
C THR A 132 0.17 -0.36 -6.68
N GLY A 133 1.44 -0.67 -6.97
CA GLY A 133 2.18 -1.49 -6.01
C GLY A 133 1.52 -2.85 -5.89
N SER A 134 1.25 -3.30 -4.68
CA SER A 134 0.52 -4.53 -4.49
C SER A 134 -0.91 -4.45 -5.00
N GLY A 135 -1.41 -3.23 -5.23
CA GLY A 135 -2.79 -3.00 -5.63
C GLY A 135 -3.66 -2.61 -4.47
N ALA A 136 -3.08 -2.45 -3.25
CA ALA A 136 -3.91 -2.09 -2.05
C ALA A 136 -5.02 -1.05 -2.33
N ILE A 137 -4.71 0.08 -2.97
CA ILE A 137 -5.73 1.13 -3.17
C ILE A 137 -6.82 0.68 -4.16
N GLY A 138 -6.47 0.34 -5.37
CA GLY A 138 -7.48 0.09 -6.38
C GLY A 138 -8.20 -1.18 -6.13
N VAL A 139 -7.52 -2.19 -5.66
CA VAL A 139 -8.20 -3.42 -5.39
C VAL A 139 -9.26 -3.22 -4.29
N SER A 140 -8.93 -2.47 -3.24
CA SER A 140 -9.89 -2.19 -2.20
C SER A 140 -11.06 -1.32 -2.73
N VAL A 141 -10.77 -0.31 -3.51
CA VAL A 141 -11.82 0.52 -4.02
C VAL A 141 -12.79 -0.37 -4.88
N ALA A 142 -12.21 -1.32 -5.63
CA ALA A 142 -13.00 -2.23 -6.48
C ALA A 142 -13.86 -3.17 -5.65
N LYS A 143 -13.30 -3.68 -4.62
CA LYS A 143 -13.96 -4.67 -3.88
C LYS A 143 -15.01 -4.04 -2.99
N PHE A 144 -14.85 -2.76 -2.63
CA PHE A 144 -15.79 -2.17 -1.70
C PHE A 144 -16.75 -1.14 -2.31
N SER A 145 -16.78 -1.02 -3.62
CA SER A 145 -17.68 -0.06 -4.24
C SER A 145 -17.93 -0.69 -5.55
N ASP A 146 -18.63 0.00 -6.42
CA ASP A 146 -18.94 -0.44 -7.78
C ASP A 146 -18.03 0.12 -8.88
N ALA A 147 -17.06 0.90 -8.45
CA ALA A 147 -16.20 1.54 -9.40
C ALA A 147 -15.50 0.54 -10.29
N ILE A 148 -15.14 0.97 -11.46
CA ILE A 148 -14.20 0.23 -12.26
C ILE A 148 -12.85 0.95 -12.07
N VAL A 149 -11.72 0.26 -12.00
CA VAL A 149 -10.40 0.92 -11.69
C VAL A 149 -9.29 0.68 -12.73
N PHE A 150 -8.63 1.74 -13.18
CA PHE A 150 -7.45 1.59 -14.04
C PHE A 150 -6.23 1.91 -13.26
N ALA A 151 -5.35 0.90 -13.19
CA ALA A 151 -4.16 0.91 -12.37
C ALA A 151 -2.83 0.76 -13.14
N THR A 152 -1.82 1.48 -12.69
CA THR A 152 -0.53 1.45 -13.31
C THR A 152 0.62 1.30 -12.35
N ASP A 153 1.67 0.66 -12.84
CA ASP A 153 2.90 0.75 -12.14
C ASP A 153 4.08 0.66 -13.10
N VAL A 154 5.20 1.35 -12.79
CA VAL A 154 6.39 1.15 -13.58
C VAL A 154 7.02 -0.24 -13.33
N SER A 155 6.70 -0.90 -12.23
CA SER A 155 7.30 -2.20 -11.98
C SER A 155 6.45 -3.26 -12.47
N SER A 156 7.13 -4.15 -13.14
CA SER A 156 6.50 -5.21 -13.78
C SER A 156 6.21 -6.20 -12.67
N LYS A 157 6.92 -6.05 -11.57
CA LYS A 157 6.71 -6.97 -10.46
C LYS A 157 5.44 -6.54 -9.66
N ALA A 158 5.28 -5.24 -9.50
CA ALA A 158 4.03 -4.71 -8.96
C ALA A 158 2.83 -5.08 -9.88
N VAL A 159 2.95 -4.86 -11.16
CA VAL A 159 1.87 -5.23 -12.05
C VAL A 159 1.44 -6.65 -11.82
N GLU A 160 2.38 -7.57 -11.59
CA GLU A 160 2.06 -8.99 -11.46
C GLU A 160 1.31 -9.37 -10.21
N ILE A 161 1.73 -8.79 -9.13
CA ILE A 161 1.25 -9.07 -7.79
C ILE A 161 -0.10 -8.42 -7.64
N ALA A 162 -0.21 -7.23 -8.22
CA ALA A 162 -1.43 -6.53 -8.21
C ALA A 162 -2.43 -7.30 -9.03
N ARG A 163 -2.05 -7.86 -10.17
CA ARG A 163 -3.03 -8.63 -10.94
C ARG A 163 -3.49 -9.79 -10.07
N LYS A 164 -2.59 -10.44 -9.33
CA LYS A 164 -3.04 -11.58 -8.55
C LYS A 164 -3.86 -11.24 -7.34
N ASN A 165 -3.51 -10.13 -6.72
CA ASN A 165 -4.34 -9.71 -5.60
C ASN A 165 -5.75 -9.38 -6.12
N ALA A 166 -5.85 -8.93 -7.36
CA ALA A 166 -7.18 -8.67 -7.87
C ALA A 166 -7.86 -10.02 -8.08
N GLU A 167 -7.13 -10.99 -8.57
CA GLU A 167 -7.79 -12.23 -8.76
C GLU A 167 -8.11 -12.73 -7.35
N ARG A 168 -7.11 -12.67 -6.49
CA ARG A 168 -7.34 -13.22 -5.18
C ARG A 168 -8.62 -12.57 -4.56
N HIS A 169 -8.99 -11.30 -4.83
CA HIS A 169 -10.18 -10.83 -4.14
C HIS A 169 -11.47 -10.76 -4.94
N GLY A 170 -11.52 -11.49 -6.08
CA GLY A 170 -12.71 -11.45 -6.91
C GLY A 170 -13.00 -10.16 -7.70
N VAL A 171 -11.99 -9.39 -8.11
CA VAL A 171 -12.25 -8.13 -8.73
C VAL A 171 -11.47 -7.96 -10.00
N SER A 172 -10.90 -9.02 -10.56
CA SER A 172 -10.28 -8.89 -11.87
C SER A 172 -11.21 -8.41 -12.95
N ASP A 173 -12.50 -8.60 -12.82
CA ASP A 173 -13.33 -7.96 -13.83
C ASP A 173 -13.60 -6.43 -13.61
N ARG A 174 -13.07 -5.79 -12.58
CA ARG A 174 -13.25 -4.34 -12.42
C ARG A 174 -11.99 -3.56 -12.04
N PHE A 175 -10.83 -4.21 -12.18
CA PHE A 175 -9.50 -3.70 -11.81
C PHE A 175 -8.49 -4.10 -12.86
N PHE A 176 -8.04 -3.16 -13.67
CA PHE A 176 -7.15 -3.52 -14.76
C PHE A 176 -5.83 -2.82 -14.51
N VAL A 177 -4.71 -3.54 -14.50
CA VAL A 177 -3.41 -2.93 -14.31
C VAL A 177 -2.56 -2.90 -15.57
N ARG A 178 -1.94 -1.78 -15.87
CA ARG A 178 -1.07 -1.81 -17.02
C ARG A 178 0.30 -1.27 -16.64
N LYS A 179 1.35 -1.84 -17.23
CA LYS A 179 2.66 -1.38 -16.89
C LYS A 179 2.94 -0.06 -17.59
N GLY A 180 3.65 0.80 -16.90
CA GLY A 180 4.00 2.07 -17.46
C GLY A 180 3.85 3.15 -16.42
N GLU A 181 4.08 4.38 -16.83
CA GLU A 181 4.06 5.44 -15.88
C GLU A 181 2.88 6.32 -15.94
N PHE A 182 2.62 6.96 -14.83
CA PHE A 182 1.48 7.80 -14.69
C PHE A 182 0.22 7.13 -15.25
N LEU A 183 -0.45 7.75 -16.20
CA LEU A 183 -1.62 7.15 -16.85
C LEU A 183 -1.29 6.91 -18.32
N GLU A 184 -0.01 6.96 -18.64
CA GLU A 184 0.37 6.83 -20.06
C GLU A 184 -0.14 5.64 -20.76
N PRO A 185 -0.29 4.50 -20.08
CA PRO A 185 -0.84 3.30 -20.68
C PRO A 185 -2.36 3.23 -20.87
N PHE A 186 -3.08 4.25 -20.47
CA PHE A 186 -4.54 4.22 -20.52
C PHE A 186 -5.06 5.51 -21.16
N LYS A 187 -4.19 6.16 -21.89
CA LYS A 187 -4.65 7.26 -22.62
C LYS A 187 -6.05 7.17 -23.23
N GLU A 188 -6.35 6.13 -23.98
CA GLU A 188 -7.69 5.85 -24.53
C GLU A 188 -8.76 6.11 -23.43
N LYS A 189 -8.35 6.02 -22.17
CA LYS A 189 -9.33 6.12 -21.10
C LYS A 189 -9.24 7.37 -20.29
N PHE A 190 -8.29 8.18 -20.60
CA PHE A 190 -8.08 9.29 -19.70
C PHE A 190 -9.38 10.01 -19.42
N ALA A 191 -10.15 10.26 -20.47
CA ALA A 191 -11.26 11.20 -20.47
C ALA A 191 -12.38 10.74 -19.62
N SER A 192 -12.67 9.46 -19.73
CA SER A 192 -13.68 8.79 -18.96
C SER A 192 -13.37 8.63 -17.47
N ILE A 193 -12.17 9.06 -17.01
CA ILE A 193 -11.79 8.90 -15.60
C ILE A 193 -12.13 10.08 -14.77
N GLU A 194 -12.84 9.74 -13.72
CA GLU A 194 -13.47 10.71 -12.85
C GLU A 194 -12.71 11.12 -11.62
N MET A 195 -11.99 10.12 -11.12
CA MET A 195 -11.21 10.21 -9.91
C MET A 195 -9.87 9.53 -10.12
N ILE A 196 -8.77 10.23 -9.82
CA ILE A 196 -7.43 9.72 -9.96
C ILE A 196 -6.87 9.57 -8.53
N LEU A 197 -6.48 8.37 -8.18
CA LEU A 197 -5.91 8.11 -6.86
C LEU A 197 -4.43 7.73 -6.98
N SER A 198 -3.65 8.10 -5.95
CA SER A 198 -2.26 7.69 -5.79
C SER A 198 -1.68 7.93 -4.44
N ASN A 199 -0.78 7.03 -4.14
CA ASN A 199 0.10 7.03 -2.96
C ASN A 199 1.40 6.82 -3.61
N PRO A 200 1.93 7.92 -4.09
CA PRO A 200 3.14 7.96 -4.92
C PRO A 200 4.45 8.08 -4.06
N PRO A 201 5.60 7.82 -4.64
CA PRO A 201 6.81 8.18 -3.89
C PRO A 201 6.88 9.65 -3.48
N TYR A 202 7.04 9.95 -2.19
CA TYR A 202 7.25 11.33 -1.79
C TYR A 202 8.37 11.63 -0.76
N VAL A 203 9.39 10.78 -0.71
CA VAL A 203 10.47 10.96 0.24
C VAL A 203 11.56 11.77 -0.38
N LYS A 204 12.05 12.73 0.37
CA LYS A 204 13.23 13.49 -0.03
C LYS A 204 14.23 12.38 -0.32
N SER A 205 14.76 12.34 -1.55
CA SER A 205 15.69 11.28 -1.95
C SER A 205 16.94 11.59 -1.18
N SER A 206 17.14 12.88 -0.97
CA SER A 206 18.04 13.35 0.07
C SER A 206 17.46 12.65 1.33
N ALA A 207 17.74 11.37 1.46
CA ALA A 207 17.03 10.52 2.42
C ALA A 207 16.76 11.16 3.78
N LEU A 214 17.50 -0.47 3.68
CA LEU A 214 16.05 -0.60 3.63
C LEU A 214 15.64 -1.29 2.33
N PHE A 215 14.66 -2.16 2.49
CA PHE A 215 14.51 -3.25 1.56
C PHE A 215 13.37 -3.15 0.55
N GLU A 216 12.66 -2.03 0.57
CA GLU A 216 11.58 -1.88 -0.37
C GLU A 216 12.21 -1.14 -1.53
N PRO A 217 11.50 -1.13 -2.64
CA PRO A 217 12.02 -0.53 -3.86
C PRO A 217 12.12 1.02 -3.86
N PRO A 218 13.27 1.48 -4.35
CA PRO A 218 13.58 2.89 -4.55
C PRO A 218 12.55 3.61 -5.38
N GLU A 219 12.21 2.99 -6.50
CA GLU A 219 11.16 3.49 -7.39
C GLU A 219 9.96 3.89 -6.53
N ALA A 220 9.69 3.14 -5.45
CA ALA A 220 8.53 3.37 -4.58
C ALA A 220 8.57 4.38 -3.43
N LEU A 221 9.77 4.77 -3.04
CA LEU A 221 9.88 5.70 -1.96
C LEU A 221 10.34 7.01 -2.50
N PHE A 222 11.18 7.01 -3.53
CA PHE A 222 11.89 8.26 -3.77
C PHE A 222 11.27 9.24 -4.79
N GLY A 223 11.13 10.48 -4.34
CA GLY A 223 10.48 11.52 -5.10
C GLY A 223 11.36 12.69 -5.50
N GLY A 224 12.60 12.39 -5.90
CA GLY A 224 13.60 13.42 -6.14
C GLY A 224 14.11 14.23 -4.94
N GLU A 225 15.03 15.15 -5.26
CA GLU A 225 15.84 15.91 -4.30
C GLU A 225 15.07 16.54 -3.19
N ASP A 226 13.86 16.95 -3.55
CA ASP A 226 12.86 17.50 -2.61
C ASP A 226 11.63 16.60 -2.41
N GLY A 227 11.54 15.48 -3.12
CA GLY A 227 10.47 14.54 -2.85
C GLY A 227 9.10 14.93 -3.44
N LEU A 228 9.14 15.67 -4.54
CA LEU A 228 7.97 16.19 -5.17
C LEU A 228 7.98 15.87 -6.65
N ASP A 229 8.99 15.17 -7.14
CA ASP A 229 9.00 15.06 -8.57
C ASP A 229 7.66 14.54 -9.05
N PHE A 230 6.97 13.70 -8.26
CA PHE A 230 5.90 12.94 -8.85
C PHE A 230 4.77 13.89 -9.16
N TYR A 231 4.49 14.77 -8.24
CA TYR A 231 3.40 15.69 -8.39
C TYR A 231 3.67 16.74 -9.42
N ARG A 232 4.95 17.06 -9.60
CA ARG A 232 5.33 18.12 -10.48
C ARG A 232 5.14 17.57 -11.85
N GLU A 233 5.42 16.29 -12.05
CA GLU A 233 5.29 15.74 -13.39
C GLU A 233 3.83 15.53 -13.68
N PHE A 234 3.05 15.27 -12.64
CA PHE A 234 1.73 14.82 -12.93
C PHE A 234 0.86 16.04 -13.17
N PHE A 235 0.81 17.00 -12.26
CA PHE A 235 -0.03 18.17 -12.45
C PHE A 235 0.50 19.05 -13.60
N GLY A 236 1.71 18.71 -14.06
CA GLY A 236 2.38 19.33 -15.16
C GLY A 236 1.93 18.80 -16.50
N ARG A 237 1.62 17.50 -16.59
CA ARG A 237 1.23 16.84 -17.85
C ARG A 237 -0.25 16.62 -18.07
N TYR A 238 -1.00 16.44 -17.00
CA TYR A 238 -2.38 16.02 -17.15
C TYR A 238 -3.38 17.10 -16.86
N ASP A 239 -4.33 17.25 -17.77
CA ASP A 239 -5.43 18.18 -17.55
C ASP A 239 -6.39 17.53 -16.63
N THR A 240 -6.73 18.15 -15.52
CA THR A 240 -7.60 17.50 -14.56
C THR A 240 -9.01 18.06 -14.49
N SER A 241 -9.38 19.00 -15.35
CA SER A 241 -10.78 19.46 -15.41
C SER A 241 -11.82 18.35 -15.30
N GLY A 242 -12.84 18.53 -14.47
CA GLY A 242 -13.87 17.52 -14.29
C GLY A 242 -13.49 16.34 -13.41
N LYS A 243 -12.24 16.24 -12.95
CA LYS A 243 -11.80 15.04 -12.22
C LYS A 243 -11.56 15.41 -10.81
N ILE A 244 -11.52 14.42 -9.98
CA ILE A 244 -11.21 14.56 -8.59
C ILE A 244 -9.89 13.86 -8.52
N VAL A 245 -8.90 14.58 -8.02
CA VAL A 245 -7.59 14.03 -7.77
C VAL A 245 -7.33 14.02 -6.25
N LEU A 246 -7.07 12.81 -5.73
CA LEU A 246 -6.80 12.54 -4.33
C LEU A 246 -5.50 11.75 -4.22
N MET A 247 -4.49 12.35 -3.62
CA MET A 247 -3.21 11.72 -3.49
C MET A 247 -2.63 11.83 -2.05
N GLU A 248 -1.88 10.81 -1.64
CA GLU A 248 -1.25 10.82 -0.31
C GLU A 248 -0.07 11.77 -0.36
N ILE A 249 0.30 12.41 0.73
CA ILE A 249 1.49 13.29 0.65
C ILE A 249 2.35 13.28 1.92
N GLY A 250 3.61 13.71 1.77
CA GLY A 250 4.51 13.91 2.90
C GLY A 250 3.91 14.92 3.86
N GLU A 251 4.15 14.77 5.16
CA GLU A 251 3.69 15.71 6.20
C GLU A 251 4.03 17.19 5.95
N ASP A 252 5.14 17.43 5.30
CA ASP A 252 5.70 18.76 5.27
C ASP A 252 5.67 19.40 3.92
N GLN A 253 4.84 18.87 3.01
CA GLN A 253 4.91 19.35 1.64
C GLN A 253 3.76 20.24 1.21
N VAL A 254 2.85 20.53 2.12
CA VAL A 254 1.75 21.45 1.86
C VAL A 254 2.18 22.77 1.20
N GLU A 255 2.65 23.77 1.96
CA GLU A 255 3.13 25.04 1.33
C GLU A 255 3.81 24.90 -0.07
N GLU A 256 4.71 23.95 -0.29
CA GLU A 256 5.26 23.84 -1.63
C GLU A 256 4.25 23.21 -2.62
N LEU A 257 3.31 22.39 -2.14
CA LEU A 257 2.36 21.79 -3.08
C LEU A 257 1.41 22.88 -3.53
N LYS A 258 0.99 23.75 -2.61
CA LYS A 258 0.12 24.87 -2.94
C LYS A 258 0.67 25.68 -4.09
N LYS A 259 1.95 25.53 -4.47
CA LYS A 259 2.44 26.27 -5.63
C LYS A 259 2.63 25.54 -6.95
N ILE A 260 2.35 24.24 -6.96
CA ILE A 260 2.40 23.43 -8.18
C ILE A 260 0.96 23.22 -8.61
N VAL A 261 0.11 23.22 -7.59
CA VAL A 261 -1.28 23.04 -7.76
C VAL A 261 -2.04 23.97 -6.83
N SER A 262 -2.59 25.05 -7.41
CA SER A 262 -3.11 26.15 -6.62
C SER A 262 -4.50 25.99 -6.03
N ASP A 263 -5.38 25.22 -6.65
CA ASP A 263 -6.72 25.11 -6.08
C ASP A 263 -6.96 23.92 -5.15
N THR A 264 -5.90 23.25 -4.70
CA THR A 264 -6.11 22.11 -3.84
C THR A 264 -6.35 22.43 -2.40
N VAL A 265 -7.10 21.51 -1.80
CA VAL A 265 -7.40 21.42 -0.38
C VAL A 265 -6.45 20.35 0.22
N PHE A 266 -6.34 20.27 1.54
CA PHE A 266 -5.33 19.42 2.12
C PHE A 266 -5.85 18.91 3.41
N LEU A 267 -5.86 17.58 3.57
CA LEU A 267 -6.41 16.98 4.77
C LEU A 267 -5.38 16.33 5.71
N LYS A 268 -5.78 16.21 6.96
CA LYS A 268 -4.94 15.56 7.96
C LYS A 268 -5.54 14.19 8.14
N ASP A 269 -4.67 13.21 8.39
CA ASP A 269 -5.07 11.87 8.82
C ASP A 269 -5.47 11.83 10.32
N SER A 270 -5.74 10.62 10.83
CA SER A 270 -6.33 10.41 12.15
C SER A 270 -5.40 10.85 13.30
N ALA A 271 -4.16 11.12 12.87
CA ALA A 271 -3.01 11.55 13.65
C ALA A 271 -2.78 13.08 13.68
N GLY A 272 -3.05 13.77 12.59
CA GLY A 272 -3.05 15.24 12.64
C GLY A 272 -1.97 15.80 11.75
N LYS A 273 -1.17 14.91 11.21
CA LYS A 273 -0.24 15.27 10.16
C LYS A 273 -1.05 15.41 8.88
N TYR A 274 -0.80 16.50 8.16
CA TYR A 274 -1.36 16.66 6.83
C TYR A 274 -0.93 15.41 6.07
N ARG A 275 -1.84 14.81 5.31
CA ARG A 275 -1.50 13.54 4.60
C ARG A 275 -2.05 13.45 3.20
N PHE A 276 -3.04 14.27 2.91
CA PHE A 276 -3.68 14.24 1.64
C PHE A 276 -4.00 15.52 0.95
N LEU A 277 -3.77 15.47 -0.33
CA LEU A 277 -4.13 16.52 -1.26
C LEU A 277 -5.40 16.05 -1.98
N LEU A 278 -6.40 16.95 -1.98
CA LEU A 278 -7.71 16.78 -2.63
C LEU A 278 -7.90 17.96 -3.55
N LEU A 279 -8.10 17.64 -4.82
CA LEU A 279 -8.28 18.64 -5.84
C LEU A 279 -9.54 18.18 -6.53
N ASN A 280 -10.65 18.82 -6.19
CA ASN A 280 -11.95 18.44 -6.70
C ASN A 280 -12.43 19.40 -7.79
N ARG A 281 -12.28 19.01 -9.05
CA ARG A 281 -12.74 19.80 -10.20
C ARG A 281 -13.89 19.15 -10.92
N ARG A 282 -14.65 18.35 -10.19
CA ARG A 282 -15.85 17.78 -10.74
C ARG A 282 -16.80 19.00 -10.72
N SER A 283 -17.79 19.01 -11.59
CA SER A 283 -18.86 20.00 -11.42
C SER A 283 -20.24 19.47 -11.20
N SER A 284 -20.99 20.37 -10.55
CA SER A 284 -22.44 20.55 -10.68
C SER A 284 -23.33 19.41 -10.68
#